data_3Q1R
#
_entry.id   3Q1R
#
_cell.length_a   169.920
_cell.length_b   169.920
_cell.length_c   185.530
_cell.angle_alpha   90.00
_cell.angle_beta   90.00
_cell.angle_gamma   120.00
#
_symmetry.space_group_name_H-M   'P 31 2 1'
#
loop_
_entity.id
_entity.type
_entity.pdbx_description
1 polymer 'RNase P RNA'
2 polymer 'Ribonuclease P protein component'
3 polymer 'TRNA (PHE)'
4 polymer "TRNA 5' LEADER"
5 non-polymer 'MAGNESIUM ION'
#
loop_
_entity_poly.entity_id
_entity_poly.type
_entity_poly.pdbx_seq_one_letter_code
_entity_poly.pdbx_strand_id
1 'polyribonucleotide'
;GGAGAGGAGCAGGCGGUCGCGGGGGCGCACACCUGCGCUUCCCGAGGAAAGUCCGGACUCUGGAGCGGGGUGCCGGGUAA
CGCCCGGGAGGGGUGACCCUCGGACAGGGCCAUAGAGAAGAAGACCGCCCGGGGGGAAACUUCCGGGCAAGGGUGGAACG
GUGGGGUAAGAGCCCACCAGCGUCGGGGCAACCCGGCGGCUUGGCAACCCCCACCUGGAGCAAGGCCAAGCAGGGGGUUG
GGUCGCUCCCCCUAUUCCCCCGGGUUGGCCGCUUGAGGUGUGCGGUAACGCACACCCCAGAUUGAUGACCGCCCACGACA
GAAUCCGGCUUAUGCUCCUCUCCCGUG
;
B
2 'polypeptide(L)'
;GSTESFTRRERLRLRRDFLLIFKEGKSLQNEYFVVLFRKNGLDYSRLGIVVKRKFGKATRRNKLKRWVREIFRRNKGVIP
KGFDIVVIPRKKLSEEFERVDFWTVREKLLNLLKRIEG
;
A
3 'polyribonucleotide'
;GGCCAGGUAGCUCAGUUGGUAGAGCACUGGAUAUGGGCACCCCCUAAGUCCAGGUGUCGGCGGUUCGAUUCCGCCCCUGG
CCACCA
;
C
4 'polyribonucleotide' AAGGCGU D
#
loop_
_chem_comp.id
_chem_comp.type
_chem_comp.name
_chem_comp.formula
A RNA linking ADENOSINE-5'-MONOPHOSPHATE 'C10 H14 N5 O7 P'
C RNA linking CYTIDINE-5'-MONOPHOSPHATE 'C9 H14 N3 O8 P'
G RNA linking GUANOSINE-5'-MONOPHOSPHATE 'C10 H14 N5 O8 P'
MG non-polymer 'MAGNESIUM ION' 'Mg 2'
U RNA linking URIDINE-5'-MONOPHOSPHATE 'C9 H13 N2 O9 P'
#
# COMPACT_ATOMS: atom_id res chain seq x y z
N THR B 7 -11.81 -9.41 0.00
CA THR B 7 -11.36 -10.48 -0.89
C THR B 7 -10.01 -10.98 -0.35
N ARG B 8 -10.01 -12.09 0.46
CA ARG B 8 -8.80 -12.74 1.05
C ARG B 8 -7.90 -13.53 0.09
N ARG B 9 -8.44 -13.78 -1.11
CA ARG B 9 -7.70 -14.40 -2.19
C ARG B 9 -6.87 -13.26 -2.71
N GLU B 10 -7.37 -12.00 -2.58
CA GLU B 10 -6.65 -10.78 -2.96
C GLU B 10 -5.72 -10.31 -1.82
N ARG B 11 -5.81 -10.95 -0.66
CA ARG B 11 -4.99 -10.61 0.49
C ARG B 11 -3.74 -11.47 0.53
N LEU B 12 -2.57 -10.82 0.45
CA LEU B 12 -1.29 -11.52 0.47
C LEU B 12 -0.77 -11.67 1.92
N ARG B 13 -0.21 -12.84 2.22
CA ARG B 13 0.38 -13.12 3.52
C ARG B 13 1.66 -12.32 3.72
N LEU B 14 1.75 -11.61 4.85
CA LEU B 14 2.93 -10.79 5.14
C LEU B 14 4.00 -11.44 5.98
N ARG B 15 3.63 -12.33 6.94
CA ARG B 15 4.60 -13.00 7.82
C ARG B 15 5.70 -13.71 7.04
N ARG B 16 5.36 -14.33 5.91
CA ARG B 16 6.36 -14.98 5.08
C ARG B 16 6.84 -14.10 3.96
N ASP B 17 5.94 -13.36 3.31
CA ASP B 17 6.30 -12.60 2.13
C ASP B 17 6.90 -11.23 2.31
N PHE B 18 6.64 -10.54 3.43
CA PHE B 18 7.20 -9.20 3.64
C PHE B 18 8.70 -9.17 3.50
N LEU B 19 9.40 -10.11 4.15
CA LEU B 19 10.86 -10.19 4.07
C LEU B 19 11.32 -10.34 2.63
N LEU B 20 10.69 -11.25 1.87
CA LEU B 20 11.01 -11.53 0.48
C LEU B 20 10.80 -10.33 -0.42
N ILE B 21 9.67 -9.62 -0.24
CA ILE B 21 9.38 -8.41 -1.02
C ILE B 21 10.38 -7.30 -0.70
N PHE B 22 10.71 -7.14 0.59
CA PHE B 22 11.68 -6.16 1.07
C PHE B 22 13.07 -6.41 0.46
N LYS B 23 13.49 -7.67 0.44
CA LYS B 23 14.81 -8.08 -0.04
C LYS B 23 14.95 -8.16 -1.55
N GLU B 24 13.93 -8.68 -2.23
CA GLU B 24 13.97 -8.94 -3.67
C GLU B 24 13.18 -7.99 -4.56
N GLY B 25 12.23 -7.25 -3.97
CA GLY B 25 11.38 -6.36 -4.73
C GLY B 25 11.97 -4.99 -4.96
N LYS B 26 11.14 -4.12 -5.55
CA LYS B 26 11.47 -2.73 -5.84
C LYS B 26 10.67 -1.83 -4.93
N SER B 27 10.98 -0.54 -4.97
CA SER B 27 10.36 0.46 -4.12
C SER B 27 10.14 1.77 -4.85
N LEU B 28 9.05 2.47 -4.49
CA LEU B 28 8.69 3.81 -4.94
C LEU B 28 8.18 4.55 -3.73
N GLN B 29 8.39 5.86 -3.68
CA GLN B 29 7.92 6.66 -2.55
C GLN B 29 7.65 8.10 -2.91
N ASN B 30 6.84 8.74 -2.09
CA ASN B 30 6.56 10.16 -2.15
C ASN B 30 6.55 10.62 -0.70
N GLU B 31 6.10 11.84 -0.44
CA GLU B 31 6.07 12.38 0.91
C GLU B 31 5.19 11.61 1.89
N TYR B 32 4.14 10.91 1.42
CA TYR B 32 3.21 10.20 2.29
C TYR B 32 3.37 8.67 2.39
N PHE B 33 3.85 8.01 1.32
CA PHE B 33 3.95 6.56 1.30
C PHE B 33 5.22 6.01 0.72
N VAL B 34 5.55 4.78 1.12
CA VAL B 34 6.58 3.92 0.55
C VAL B 34 5.79 2.72 0.04
N VAL B 35 6.03 2.33 -1.21
CA VAL B 35 5.35 1.19 -1.82
C VAL B 35 6.42 0.19 -2.25
N LEU B 36 6.35 -1.04 -1.71
CA LEU B 36 7.26 -2.13 -2.08
C LEU B 36 6.50 -3.08 -2.97
N PHE B 37 7.16 -3.63 -4.00
CA PHE B 37 6.48 -4.53 -4.93
C PHE B 37 7.40 -5.54 -5.58
N ARG B 38 6.82 -6.69 -5.92
CA ARG B 38 7.52 -7.79 -6.56
C ARG B 38 6.53 -8.56 -7.41
N LYS B 39 7.01 -9.07 -8.55
CA LYS B 39 6.23 -9.89 -9.47
C LYS B 39 5.80 -11.15 -8.71
N ASN B 40 4.52 -11.51 -8.78
CA ASN B 40 4.00 -12.67 -8.05
C ASN B 40 3.74 -13.91 -8.90
N GLY B 41 3.86 -13.77 -10.24
CA GLY B 41 3.64 -14.87 -11.19
C GLY B 41 2.16 -15.24 -11.31
N LEU B 42 1.26 -14.34 -10.88
CA LEU B 42 -0.18 -14.52 -10.97
C LEU B 42 -0.75 -13.53 -11.97
N ASP B 43 -2.02 -13.70 -12.34
CA ASP B 43 -2.69 -12.84 -13.31
C ASP B 43 -3.44 -11.67 -12.64
N TYR B 44 -3.17 -11.48 -11.34
CA TYR B 44 -3.75 -10.43 -10.51
C TYR B 44 -2.73 -9.97 -9.48
N SER B 45 -2.95 -8.76 -8.93
CA SER B 45 -2.10 -8.19 -7.89
C SER B 45 -2.71 -8.39 -6.50
N ARG B 46 -1.85 -8.43 -5.48
CA ARG B 46 -2.24 -8.62 -4.08
C ARG B 46 -1.69 -7.47 -3.24
N LEU B 47 -2.49 -7.02 -2.28
CA LEU B 47 -2.16 -5.91 -1.40
C LEU B 47 -1.93 -6.32 0.04
N GLY B 48 -0.89 -5.73 0.64
CA GLY B 48 -0.52 -5.87 2.04
C GLY B 48 -0.23 -4.46 2.57
N ILE B 49 -0.58 -4.21 3.84
CA ILE B 49 -0.36 -2.91 4.47
C ILE B 49 0.44 -3.12 5.75
N VAL B 50 1.54 -2.38 5.88
CA VAL B 50 2.38 -2.45 7.06
C VAL B 50 2.36 -1.09 7.73
N VAL B 51 1.66 -1.02 8.85
CA VAL B 51 1.56 0.21 9.61
C VAL B 51 2.40 0.06 10.87
N LYS B 52 3.40 0.94 11.02
CA LYS B 52 4.28 0.94 12.18
C LYS B 52 3.46 1.26 13.42
N ARG B 53 3.81 0.62 14.56
CA ARG B 53 3.09 0.84 15.82
C ARG B 53 2.99 2.32 16.18
N LYS B 54 4.07 3.08 15.91
CA LYS B 54 4.16 4.52 16.17
C LYS B 54 3.14 5.38 15.44
N PHE B 55 2.45 4.84 14.41
CA PHE B 55 1.41 5.56 13.70
C PHE B 55 0.25 5.92 14.63
N GLY B 56 0.03 5.10 15.68
CA GLY B 56 -1.03 5.38 16.65
C GLY B 56 -1.81 4.15 17.05
N LYS B 57 -2.91 4.40 17.77
CA LYS B 57 -3.78 3.35 18.28
C LYS B 57 -4.74 2.84 17.23
N ALA B 58 -5.49 1.78 17.57
CA ALA B 58 -6.40 1.07 16.68
C ALA B 58 -7.25 1.95 15.78
N THR B 59 -7.93 2.95 16.34
CA THR B 59 -8.79 3.84 15.59
C THR B 59 -8.06 4.48 14.41
N ARG B 60 -6.94 5.12 14.70
CA ARG B 60 -6.14 5.82 13.72
C ARG B 60 -5.57 4.89 12.66
N ARG B 61 -4.93 3.78 13.09
CA ARG B 61 -4.34 2.83 12.15
C ARG B 61 -5.38 2.14 11.28
N ASN B 62 -6.53 1.80 11.87
CA ASN B 62 -7.58 1.14 11.12
C ASN B 62 -8.22 2.02 10.08
N LYS B 63 -8.31 3.34 10.34
CA LYS B 63 -8.83 4.31 9.39
C LYS B 63 -7.93 4.37 8.17
N LEU B 64 -6.60 4.43 8.40
CA LEU B 64 -5.65 4.47 7.31
C LEU B 64 -5.75 3.20 6.45
N LYS B 65 -5.77 2.03 7.10
CA LYS B 65 -5.86 0.73 6.44
C LYS B 65 -7.13 0.63 5.60
N ARG B 66 -8.27 1.12 6.12
CA ARG B 66 -9.53 1.09 5.39
C ARG B 66 -9.45 1.92 4.12
N TRP B 67 -8.89 3.14 4.22
CA TRP B 67 -8.73 4.04 3.07
C TRP B 67 -7.88 3.37 2.00
N VAL B 68 -6.76 2.78 2.41
CA VAL B 68 -5.83 2.10 1.50
C VAL B 68 -6.51 0.92 0.79
N ARG B 69 -7.24 0.09 1.53
CA ARG B 69 -7.94 -1.07 0.98
C ARG B 69 -8.99 -0.65 -0.06
N GLU B 70 -9.72 0.43 0.24
CA GLU B 70 -10.77 0.98 -0.62
C GLU B 70 -10.20 1.54 -1.91
N ILE B 71 -9.09 2.31 -1.81
CA ILE B 71 -8.41 2.89 -2.98
C ILE B 71 -7.99 1.77 -3.91
N PHE B 72 -7.34 0.75 -3.34
CA PHE B 72 -6.87 -0.39 -4.10
C PHE B 72 -8.03 -1.12 -4.77
N ARG B 73 -9.09 -1.47 -4.02
CA ARG B 73 -10.25 -2.19 -4.53
C ARG B 73 -10.94 -1.50 -5.71
N ARG B 74 -11.23 -0.22 -5.53
CA ARG B 74 -11.94 0.57 -6.54
C ARG B 74 -11.12 0.83 -7.79
N ASN B 75 -9.77 0.86 -7.65
CA ASN B 75 -8.85 1.16 -8.75
C ASN B 75 -8.04 -0.02 -9.28
N LYS B 76 -8.41 -1.26 -8.86
CA LYS B 76 -7.76 -2.51 -9.27
C LYS B 76 -7.61 -2.62 -10.79
N GLY B 77 -8.63 -2.17 -11.54
CA GLY B 77 -8.66 -2.21 -13.00
C GLY B 77 -7.52 -1.44 -13.66
N VAL B 78 -7.09 -0.33 -13.05
CA VAL B 78 -6.02 0.52 -13.60
C VAL B 78 -4.63 0.21 -12.99
N ILE B 79 -4.59 -0.37 -11.79
CA ILE B 79 -3.33 -0.72 -11.13
C ILE B 79 -2.73 -1.95 -11.85
N PRO B 80 -1.39 -1.95 -12.12
CA PRO B 80 -0.75 -3.08 -12.81
C PRO B 80 -1.06 -4.44 -12.18
N LYS B 81 -1.17 -5.47 -13.03
CA LYS B 81 -1.48 -6.85 -12.65
C LYS B 81 -0.22 -7.70 -12.49
N GLY B 82 -0.27 -8.68 -11.57
CA GLY B 82 0.83 -9.63 -11.34
C GLY B 82 1.91 -9.18 -10.35
N PHE B 83 1.53 -8.37 -9.35
CA PHE B 83 2.44 -7.88 -8.33
C PHE B 83 1.93 -8.06 -6.93
N ASP B 84 2.84 -8.38 -6.01
CA ASP B 84 2.53 -8.39 -4.59
C ASP B 84 3.01 -7.01 -4.13
N ILE B 85 2.09 -6.25 -3.55
CA ILE B 85 2.31 -4.85 -3.17
C ILE B 85 2.16 -4.63 -1.68
N VAL B 86 3.15 -3.92 -1.09
CA VAL B 86 3.15 -3.57 0.33
C VAL B 86 3.11 -2.05 0.45
N VAL B 87 2.08 -1.52 1.13
CA VAL B 87 1.93 -0.09 1.34
C VAL B 87 2.36 0.25 2.76
N ILE B 88 3.27 1.23 2.89
CA ILE B 88 3.80 1.68 4.18
C ILE B 88 3.64 3.19 4.33
N PRO B 89 2.84 3.65 5.30
CA PRO B 89 2.71 5.09 5.51
C PRO B 89 4.01 5.65 6.11
N ARG B 90 4.31 6.90 5.76
CA ARG B 90 5.51 7.60 6.19
C ARG B 90 5.24 8.51 7.36
N LYS B 91 6.30 8.91 8.08
CA LYS B 91 6.15 9.80 9.23
C LYS B 91 5.34 11.04 8.87
N LYS B 92 5.64 11.64 7.71
CA LYS B 92 4.94 12.83 7.26
C LYS B 92 3.44 12.63 7.31
N LEU B 93 2.96 11.55 6.68
CA LEU B 93 1.54 11.24 6.65
C LEU B 93 0.94 11.25 8.06
N SER B 94 1.60 10.55 8.98
CA SER B 94 1.12 10.47 10.36
C SER B 94 1.28 11.82 11.07
N GLU B 95 1.83 12.80 10.37
CA GLU B 95 2.03 14.13 10.93
C GLU B 95 0.91 15.07 10.53
N GLU B 96 0.30 14.82 9.37
CA GLU B 96 -0.79 15.64 8.87
C GLU B 96 -1.97 14.78 8.44
N PHE B 97 -2.02 13.55 8.92
CA PHE B 97 -3.10 12.63 8.59
C PHE B 97 -4.46 13.26 8.82
N GLU B 98 -4.64 13.87 9.99
CA GLU B 98 -5.90 14.53 10.34
C GLU B 98 -6.12 15.77 9.48
N ARG B 99 -5.07 16.25 8.84
CA ARG B 99 -5.14 17.43 7.99
C ARG B 99 -5.25 17.05 6.52
N VAL B 100 -4.99 15.77 6.21
CA VAL B 100 -5.05 15.26 4.85
C VAL B 100 -6.41 14.67 4.56
N ASP B 101 -7.01 15.08 3.44
CA ASP B 101 -8.31 14.58 3.04
C ASP B 101 -8.18 13.28 2.24
N PHE B 102 -9.30 12.60 2.04
CA PHE B 102 -9.31 11.34 1.30
C PHE B 102 -8.80 11.45 -0.13
N TRP B 103 -9.28 12.44 -0.89
CA TRP B 103 -8.85 12.62 -2.29
C TRP B 103 -7.35 12.81 -2.43
N THR B 104 -6.70 13.49 -1.46
CA THR B 104 -5.25 13.71 -1.47
C THR B 104 -4.51 12.40 -1.23
N VAL B 105 -4.99 11.61 -0.24
CA VAL B 105 -4.41 10.31 0.08
C VAL B 105 -4.52 9.41 -1.16
N ARG B 106 -5.71 9.42 -1.80
CA ARG B 106 -6.01 8.66 -3.01
C ARG B 106 -5.04 9.03 -4.14
N GLU B 107 -4.90 10.34 -4.43
CA GLU B 107 -4.01 10.85 -5.48
C GLU B 107 -2.59 10.40 -5.26
N LYS B 108 -2.08 10.60 -4.04
CA LYS B 108 -0.71 10.29 -3.67
C LYS B 108 -0.40 8.81 -3.71
N LEU B 109 -1.35 7.97 -3.28
CA LEU B 109 -1.17 6.53 -3.32
C LEU B 109 -1.25 6.01 -4.76
N LEU B 110 -2.25 6.46 -5.53
CA LEU B 110 -2.41 6.05 -6.92
C LEU B 110 -1.25 6.46 -7.81
N ASN B 111 -0.62 7.61 -7.52
CA ASN B 111 0.53 8.07 -8.30
C ASN B 111 1.67 7.05 -8.24
N LEU B 112 1.84 6.39 -7.08
CA LEU B 112 2.86 5.36 -6.90
C LEU B 112 2.43 4.04 -7.49
N LEU B 113 1.20 3.58 -7.15
CA LEU B 113 0.66 2.30 -7.63
C LEU B 113 0.64 2.17 -9.15
N LYS B 114 0.28 3.26 -9.85
CA LYS B 114 0.23 3.28 -11.31
C LYS B 114 1.62 3.26 -11.96
N ARG B 115 2.68 3.50 -11.16
CA ARG B 115 4.06 3.49 -11.66
C ARG B 115 4.80 2.18 -11.44
N ILE B 116 4.11 1.18 -10.86
CA ILE B 116 4.67 -0.17 -10.67
C ILE B 116 4.95 -0.76 -12.05
N GLU B 117 6.21 -1.13 -12.28
CA GLU B 117 6.72 -1.67 -13.54
C GLU B 117 7.62 -2.87 -13.27
N GLY B 118 7.72 -3.86 -14.19
CA GLY B 118 7.00 -3.96 -15.45
C GLY B 118 6.47 -5.37 -15.69
MG MG E . 0.16 26.26 79.27
MG MG F . -6.96 -3.35 26.40
MG MG G . -3.29 -1.03 24.31
MG MG H . -36.57 31.44 29.82
MG MG I . 7.11 -21.73 26.76
#